data_8OIM
#
_entry.id   8OIM
#
_cell.length_a   60.812
_cell.length_b   88.966
_cell.length_c   65.627
_cell.angle_alpha   90.000
_cell.angle_beta   96.411
_cell.angle_gamma   90.000
#
_symmetry.space_group_name_H-M   'P 1 21 1'
#
loop_
_entity.id
_entity.type
_entity.pdbx_description
1 polymer Lipase
2 water water
#
_entity_poly.entity_id   1
_entity_poly.type   'polypeptide(L)'
_entity_poly.pdbx_seq_one_letter_code
;MGSSHHHHHHSQDPMTDSTTHYTRPDVAAFLAFLNAQEGPKMEEMPPAGAREMMRVMGQLADVPRGEIAKVEDRMIPGPD
GDIPIRLYDNRPDREAGPVMVFYHGGGWVIGDLETHDPYCAEAARILDMPVIAIDYRLAPEHPFPAAPIDCEAATRWVAD
NIACTGLVLSGDSAGGNLTIVTALALRDEPAAKPVIAIHPIYPAVTTHNDWQSYRDFGEGHLLTEGSMTWFGNHYAADPA
DRRAAPIDFPADGLPPTLLITASLDPLRDQGRAYAAKLIEAGVPTTYREAKGTIHGYICLAQGIPSAKDDIRGALTVLKA
IVAEATGAA
;
_entity_poly.pdbx_strand_id   A,B
#
# COMPACT_ATOMS: atom_id res chain seq x y z
N THR A 20 16.58 -20.67 10.04
CA THR A 20 16.27 -19.45 10.84
C THR A 20 15.58 -18.37 9.97
N HIS A 21 14.83 -17.53 10.67
CA HIS A 21 14.03 -16.45 10.10
C HIS A 21 14.28 -15.23 10.99
N TYR A 22 14.36 -14.06 10.40
CA TYR A 22 14.55 -12.85 11.18
C TYR A 22 13.50 -12.70 12.28
N THR A 23 14.00 -12.46 13.49
CA THR A 23 13.16 -12.35 14.67
C THR A 23 13.68 -11.20 15.48
N ARG A 24 12.82 -10.25 15.83
CA ARG A 24 13.27 -9.16 16.65
C ARG A 24 13.69 -9.71 18.00
N PRO A 25 14.75 -9.14 18.59
CA PRO A 25 15.23 -9.64 19.89
C PRO A 25 14.18 -9.64 20.98
N ASP A 26 13.33 -8.63 21.06
CA ASP A 26 12.32 -8.62 22.11
C ASP A 26 11.16 -9.58 21.85
N VAL A 27 10.90 -9.93 20.57
CA VAL A 27 9.96 -10.99 20.26
C VAL A 27 10.54 -12.35 20.70
N ALA A 28 11.81 -12.62 20.39
CA ALA A 28 12.51 -13.82 20.79
C ALA A 28 12.39 -14.08 22.30
N ALA A 29 12.58 -13.02 23.03
CA ALA A 29 12.53 -12.99 24.51
C ALA A 29 11.13 -13.29 25.05
N PHE A 30 10.11 -12.65 24.47
CA PHE A 30 8.73 -13.02 24.75
C PHE A 30 8.42 -14.49 24.42
N LEU A 31 8.81 -15.01 23.21
CA LEU A 31 8.59 -16.39 22.87
C LEU A 31 9.30 -17.37 23.82
N ALA A 32 10.49 -16.99 24.32
CA ALA A 32 11.22 -17.86 25.26
C ALA A 32 10.40 -18.05 26.54
N PHE A 33 9.80 -16.96 27.01
CA PHE A 33 8.92 -16.97 28.16
C PHE A 33 7.68 -17.80 27.92
N LEU A 34 7.01 -17.60 26.78
CA LEU A 34 5.78 -18.30 26.45
C LEU A 34 6.01 -19.81 26.34
N ASN A 35 7.10 -20.20 25.66
CA ASN A 35 7.39 -21.60 25.45
C ASN A 35 7.80 -22.31 26.75
N ALA A 36 8.26 -21.60 27.79
CA ALA A 36 8.60 -22.19 29.07
C ALA A 36 7.41 -22.28 30.02
N GLN A 37 6.20 -21.84 29.65
CA GLN A 37 5.10 -21.85 30.60
C GLN A 37 4.61 -23.28 30.82
N GLU A 38 4.32 -23.61 32.08
CA GLU A 38 3.80 -24.92 32.40
C GLU A 38 2.28 -24.82 32.32
N GLY A 39 1.64 -25.97 32.35
CA GLY A 39 0.20 -26.01 32.47
C GLY A 39 -0.37 -26.19 31.08
N PRO A 40 -1.63 -26.62 30.95
CA PRO A 40 -2.12 -27.17 29.69
C PRO A 40 -2.06 -26.15 28.53
N LYS A 41 -1.94 -26.64 27.30
CA LYS A 41 -2.12 -25.79 26.13
C LYS A 41 -3.60 -25.38 26.00
N MET A 42 -3.85 -24.26 25.33
CA MET A 42 -5.19 -23.76 25.08
C MET A 42 -6.11 -24.84 24.50
N GLU A 43 -5.59 -25.64 23.54
CA GLU A 43 -6.34 -26.68 22.86
C GLU A 43 -6.68 -27.88 23.74
N GLU A 44 -6.13 -27.97 24.96
CA GLU A 44 -6.46 -29.09 25.85
C GLU A 44 -7.61 -28.70 26.76
N MET A 45 -8.08 -27.45 26.60
CA MET A 45 -9.03 -26.83 27.51
C MET A 45 -10.40 -26.82 26.86
N PRO A 46 -11.50 -26.78 27.66
CA PRO A 46 -12.82 -26.45 27.14
C PRO A 46 -12.81 -24.96 26.82
N PRO A 47 -13.77 -24.43 26.04
CA PRO A 47 -13.82 -23.00 25.76
C PRO A 47 -13.75 -22.05 26.97
N ALA A 48 -14.45 -22.35 28.07
CA ALA A 48 -14.39 -21.48 29.24
C ALA A 48 -12.97 -21.31 29.78
N GLY A 49 -12.21 -22.38 29.83
CA GLY A 49 -10.86 -22.29 30.33
C GLY A 49 -9.90 -21.60 29.36
N ALA A 50 -10.16 -21.73 28.03
CA ALA A 50 -9.37 -21.04 27.02
C ALA A 50 -9.61 -19.55 27.10
N ARG A 51 -10.86 -19.19 27.37
CA ARG A 51 -11.30 -17.82 27.45
C ARG A 51 -10.59 -17.13 28.62
N GLU A 52 -10.40 -17.85 29.74
CA GLU A 52 -9.71 -17.35 30.93
C GLU A 52 -8.20 -17.23 30.69
N MET A 53 -7.56 -18.19 30.04
CA MET A 53 -6.15 -18.08 29.65
C MET A 53 -5.87 -16.79 28.86
N MET A 54 -6.74 -16.42 27.93
CA MET A 54 -6.52 -15.23 27.12
C MET A 54 -6.64 -13.98 28.00
N ARG A 55 -7.60 -13.94 28.93
CA ARG A 55 -7.76 -12.80 29.83
C ARG A 55 -6.50 -12.61 30.68
N VAL A 56 -5.95 -13.71 31.17
CA VAL A 56 -4.79 -13.65 32.05
C VAL A 56 -3.54 -13.31 31.25
N MET A 57 -3.41 -13.80 30.04
CA MET A 57 -2.26 -13.45 29.18
C MET A 57 -2.27 -11.93 28.94
N GLY A 58 -3.43 -11.38 28.66
CA GLY A 58 -3.56 -9.94 28.40
C GLY A 58 -3.21 -9.08 29.61
N GLN A 59 -3.78 -9.45 30.76
CA GLN A 59 -3.35 -8.94 32.06
C GLN A 59 -1.83 -8.91 32.21
N LEU A 60 -1.11 -9.94 31.82
CA LEU A 60 0.33 -9.92 32.06
C LEU A 60 1.09 -9.25 30.90
N ALA A 61 0.62 -9.34 29.64
CA ALA A 61 1.47 -8.96 28.53
C ALA A 61 0.93 -7.78 27.73
N ASP A 62 -0.26 -7.26 28.06
CA ASP A 62 -0.81 -6.08 27.41
C ASP A 62 -0.62 -4.83 28.30
N VAL A 63 -0.53 -3.67 27.66
CA VAL A 63 -0.54 -2.35 28.29
C VAL A 63 -1.92 -2.14 28.88
N PRO A 64 -2.06 -1.26 29.90
CA PRO A 64 -3.40 -0.91 30.38
C PRO A 64 -4.13 0.06 29.44
N ARG A 65 -5.46 0.19 29.66
CA ARG A 65 -6.30 1.09 28.87
C ARG A 65 -5.71 2.50 28.75
N GLY A 66 -5.24 3.04 29.90
CA GLY A 66 -4.64 4.35 29.95
C GLY A 66 -5.74 5.39 29.88
N GLU A 67 -5.40 6.63 29.62
CA GLU A 67 -6.36 7.70 29.83
C GLU A 67 -7.24 7.88 28.60
N ILE A 68 -8.55 7.95 28.78
CA ILE A 68 -9.41 8.16 27.64
C ILE A 68 -10.65 8.86 28.15
N ALA A 69 -11.07 9.89 27.44
CA ALA A 69 -12.13 10.77 27.93
C ALA A 69 -13.43 10.01 28.17
N LYS A 70 -13.85 9.13 27.27
CA LYS A 70 -15.15 8.48 27.37
C LYS A 70 -15.09 7.01 26.91
N VAL A 71 -15.67 6.14 27.73
CA VAL A 71 -15.89 4.74 27.42
C VAL A 71 -17.30 4.44 27.89
N GLU A 72 -18.18 3.99 26.99
CA GLU A 72 -19.58 3.74 27.26
C GLU A 72 -19.90 2.31 26.83
N ASP A 73 -20.55 1.52 27.69
CA ASP A 73 -21.02 0.18 27.36
C ASP A 73 -22.54 0.20 27.17
N ARG A 74 -23.02 -0.49 26.13
CA ARG A 74 -24.44 -0.78 26.01
C ARG A 74 -24.72 -2.05 25.19
N MET A 75 -25.98 -2.41 25.14
CA MET A 75 -26.56 -3.44 24.35
C MET A 75 -27.25 -2.80 23.16
N ILE A 76 -27.15 -3.45 22.02
CA ILE A 76 -27.93 -3.07 20.87
C ILE A 76 -28.75 -4.30 20.44
N PRO A 77 -29.90 -4.08 19.77
CA PRO A 77 -30.74 -5.18 19.30
C PRO A 77 -30.01 -5.85 18.16
N GLY A 78 -29.91 -7.18 18.18
CA GLY A 78 -29.23 -7.94 17.15
C GLY A 78 -30.19 -8.99 16.61
N PRO A 79 -29.81 -9.73 15.52
CA PRO A 79 -30.71 -10.73 14.96
C PRO A 79 -31.10 -11.77 15.99
N ASP A 80 -30.24 -12.09 16.96
CA ASP A 80 -30.47 -13.23 17.86
C ASP A 80 -30.69 -12.77 19.31
N GLY A 81 -30.78 -11.47 19.59
CA GLY A 81 -30.71 -11.01 20.96
C GLY A 81 -29.82 -9.78 21.04
N ASP A 82 -29.47 -9.38 22.26
CA ASP A 82 -28.64 -8.23 22.55
C ASP A 82 -27.22 -8.52 22.07
N ILE A 83 -26.62 -7.57 21.41
CA ILE A 83 -25.20 -7.56 21.14
C ILE A 83 -24.60 -6.49 22.03
N PRO A 84 -23.65 -6.85 22.93
CA PRO A 84 -22.92 -5.87 23.72
C PRO A 84 -21.93 -5.14 22.83
N ILE A 85 -21.89 -3.80 22.97
CA ILE A 85 -20.87 -2.96 22.34
C ILE A 85 -20.21 -2.07 23.39
N ARG A 86 -19.05 -1.53 23.00
CA ARG A 86 -18.29 -0.61 23.81
C ARG A 86 -17.82 0.54 22.91
N LEU A 87 -18.20 1.79 23.27
CA LEU A 87 -17.82 3.01 22.55
C LEU A 87 -16.65 3.69 23.26
N TYR A 88 -15.58 3.94 22.54
CA TYR A 88 -14.42 4.64 23.09
C TYR A 88 -14.33 5.97 22.32
N ASP A 89 -14.16 7.09 23.04
CA ASP A 89 -13.98 8.41 22.40
C ASP A 89 -13.07 9.25 23.26
N ASN A 90 -11.98 9.74 22.67
CA ASN A 90 -11.08 10.61 23.38
C ASN A 90 -11.42 12.08 23.10
N ARG A 91 -12.52 12.39 22.42
CA ARG A 91 -12.94 13.77 22.17
C ARG A 91 -14.43 13.82 21.96
N PRO A 92 -15.22 13.58 23.01
CA PRO A 92 -16.67 13.41 22.86
C PRO A 92 -17.46 14.63 22.34
N ASP A 93 -16.86 15.80 22.35
CA ASP A 93 -17.44 17.04 21.84
C ASP A 93 -17.48 17.08 20.30
N ARG A 94 -16.71 16.24 19.60
CA ARG A 94 -16.44 16.35 18.17
C ARG A 94 -17.69 16.62 17.29
N GLU A 95 -17.47 17.17 16.10
CA GLU A 95 -18.48 17.11 15.05
C GLU A 95 -18.57 15.69 14.46
N ALA A 96 -19.71 15.42 13.78
CA ALA A 96 -19.93 14.18 13.06
C ALA A 96 -18.72 13.95 12.16
N GLY A 97 -18.03 12.84 12.30
CA GLY A 97 -16.97 12.46 11.37
C GLY A 97 -16.98 10.92 11.16
N PRO A 98 -15.90 10.33 10.66
CA PRO A 98 -15.80 8.88 10.60
C PRO A 98 -15.88 8.18 11.96
N VAL A 99 -16.36 6.90 11.98
CA VAL A 99 -16.37 6.09 13.19
C VAL A 99 -15.72 4.73 12.85
N MET A 100 -14.88 4.21 13.73
CA MET A 100 -14.29 2.91 13.51
C MET A 100 -15.14 1.86 14.27
N VAL A 101 -15.52 0.81 13.56
CA VAL A 101 -16.08 -0.41 14.15
C VAL A 101 -15.00 -1.50 14.18
N PHE A 102 -14.76 -2.04 15.37
CA PHE A 102 -13.71 -2.99 15.63
C PHE A 102 -14.21 -4.37 16.02
N TYR A 103 -13.73 -5.42 15.34
CA TYR A 103 -14.08 -6.80 15.60
C TYR A 103 -12.85 -7.57 16.13
N HIS A 104 -12.95 -7.98 17.39
CA HIS A 104 -11.81 -8.59 18.08
C HIS A 104 -11.52 -9.94 17.44
N GLY A 105 -10.30 -10.43 17.68
CA GLY A 105 -9.90 -11.77 17.28
C GLY A 105 -10.04 -12.80 18.39
N GLY A 106 -9.44 -13.99 18.19
CA GLY A 106 -9.62 -15.14 19.10
C GLY A 106 -10.28 -16.36 18.45
N GLY A 107 -10.05 -16.50 17.16
CA GLY A 107 -10.39 -17.72 16.47
C GLY A 107 -11.89 -18.06 16.52
N TRP A 108 -12.71 -17.03 16.68
CA TRP A 108 -14.17 -17.17 16.70
C TRP A 108 -14.65 -17.95 17.92
N VAL A 109 -13.79 -18.12 18.90
CA VAL A 109 -14.13 -18.93 20.07
C VAL A 109 -13.87 -18.10 21.32
N ILE A 110 -12.76 -17.37 21.33
CA ILE A 110 -12.36 -16.67 22.52
C ILE A 110 -12.33 -15.15 22.19
N GLY A 111 -11.96 -14.39 23.19
CA GLY A 111 -11.87 -12.92 23.11
C GLY A 111 -13.18 -12.28 23.54
N ASP A 112 -13.11 -11.00 23.94
CA ASP A 112 -14.31 -10.24 24.28
C ASP A 112 -13.96 -8.76 24.27
N LEU A 113 -14.75 -7.93 24.94
CA LEU A 113 -14.47 -6.49 25.03
C LEU A 113 -13.26 -6.24 25.93
N GLU A 114 -12.98 -7.09 26.95
CA GLU A 114 -11.82 -6.78 27.80
C GLU A 114 -10.48 -7.16 27.21
N THR A 115 -10.41 -8.20 26.38
CA THR A 115 -9.15 -8.68 25.83
C THR A 115 -8.52 -7.66 24.88
N HIS A 116 -9.31 -6.78 24.25
CA HIS A 116 -8.83 -5.89 23.18
C HIS A 116 -9.04 -4.43 23.59
N ASP A 117 -9.40 -4.26 24.86
CA ASP A 117 -9.76 -2.95 25.40
C ASP A 117 -8.54 -1.99 25.22
N PRO A 118 -7.29 -2.40 25.57
CA PRO A 118 -6.16 -1.48 25.50
C PRO A 118 -5.84 -1.04 24.08
N TYR A 119 -6.00 -1.94 23.12
CA TYR A 119 -5.88 -1.57 21.73
C TYR A 119 -6.96 -0.57 21.29
N CYS A 120 -8.25 -0.85 21.55
CA CYS A 120 -9.28 0.07 21.15
C CYS A 120 -9.10 1.48 21.72
N ALA A 121 -8.71 1.59 23.01
CA ALA A 121 -8.43 2.88 23.55
C ALA A 121 -7.26 3.54 22.82
N GLU A 122 -6.23 2.75 22.51
CA GLU A 122 -5.09 3.32 21.81
C GLU A 122 -5.46 3.80 20.42
N ALA A 123 -6.34 3.06 19.76
CA ALA A 123 -6.79 3.45 18.42
C ALA A 123 -7.59 4.76 18.51
N ALA A 124 -8.47 4.84 19.48
CA ALA A 124 -9.30 6.03 19.63
C ALA A 124 -8.46 7.28 19.88
N ARG A 125 -7.41 7.14 20.68
CA ARG A 125 -6.44 8.23 20.90
C ARG A 125 -5.70 8.55 19.62
N ILE A 126 -5.10 7.57 18.90
CA ILE A 126 -4.24 7.91 17.76
C ILE A 126 -5.05 8.35 16.55
N LEU A 127 -6.21 7.74 16.33
CA LEU A 127 -7.02 8.04 15.15
C LEU A 127 -7.84 9.30 15.33
N ASP A 128 -8.07 9.70 16.58
CA ASP A 128 -8.91 10.81 16.94
C ASP A 128 -10.31 10.59 16.34
N MET A 129 -10.85 9.35 16.44
CA MET A 129 -12.23 9.13 16.02
C MET A 129 -12.86 8.23 17.08
N PRO A 130 -14.20 8.18 17.22
CA PRO A 130 -14.81 7.14 18.03
C PRO A 130 -14.50 5.73 17.48
N VAL A 131 -14.33 4.82 18.43
CA VAL A 131 -14.13 3.41 18.18
C VAL A 131 -15.24 2.61 18.88
N ILE A 132 -15.94 1.78 18.14
CA ILE A 132 -16.97 0.91 18.67
C ILE A 132 -16.56 -0.54 18.50
N ALA A 133 -16.32 -1.19 19.60
CA ALA A 133 -15.98 -2.62 19.61
C ALA A 133 -17.27 -3.43 19.81
N ILE A 134 -17.39 -4.51 19.06
CA ILE A 134 -18.54 -5.41 19.00
C ILE A 134 -18.22 -6.73 19.67
N ASP A 135 -19.06 -7.13 20.65
CA ASP A 135 -18.93 -8.46 21.21
C ASP A 135 -19.84 -9.46 20.49
N TYR A 136 -19.46 -9.94 19.30
CA TYR A 136 -20.23 -10.91 18.50
C TYR A 136 -20.30 -12.30 19.15
N ARG A 137 -21.32 -13.06 18.79
CA ARG A 137 -21.53 -14.41 19.27
C ARG A 137 -20.34 -15.31 18.95
N LEU A 138 -19.96 -16.18 19.88
CA LEU A 138 -18.84 -17.09 19.80
C LEU A 138 -19.26 -18.54 19.74
N ALA A 139 -18.45 -19.26 18.98
CA ALA A 139 -18.42 -20.72 18.96
C ALA A 139 -17.73 -21.34 20.19
N PRO A 140 -18.05 -22.62 20.56
CA PRO A 140 -18.97 -23.45 19.82
C PRO A 140 -20.45 -23.34 20.15
N GLU A 141 -20.78 -22.55 21.18
CA GLU A 141 -22.18 -22.28 21.51
C GLU A 141 -22.96 -21.71 20.31
N HIS A 142 -22.32 -20.84 19.52
CA HIS A 142 -22.95 -20.28 18.34
C HIS A 142 -21.96 -20.41 17.17
N PRO A 143 -21.96 -21.54 16.43
CA PRO A 143 -21.04 -21.76 15.31
C PRO A 143 -21.31 -20.84 14.12
N PHE A 144 -20.41 -20.87 13.17
CA PHE A 144 -20.60 -20.21 11.89
C PHE A 144 -22.01 -20.50 11.34
N PRO A 145 -22.77 -19.54 10.78
CA PRO A 145 -22.34 -18.13 10.58
C PRO A 145 -22.72 -17.01 11.59
N ALA A 146 -22.81 -17.36 12.88
CA ALA A 146 -23.29 -16.42 13.84
C ALA A 146 -22.40 -15.14 13.91
N ALA A 147 -21.09 -15.28 14.03
CA ALA A 147 -20.21 -14.14 14.16
C ALA A 147 -20.37 -13.17 12.99
N PRO A 148 -20.34 -13.57 11.69
CA PRO A 148 -20.46 -12.62 10.62
C PRO A 148 -21.83 -12.00 10.51
N ILE A 149 -22.85 -12.68 10.95
CA ILE A 149 -24.19 -12.09 10.97
C ILE A 149 -24.29 -11.01 12.01
N ASP A 150 -23.75 -11.28 13.20
CA ASP A 150 -23.73 -10.29 14.26
C ASP A 150 -22.91 -9.05 13.90
N CYS A 151 -21.74 -9.27 13.30
CA CYS A 151 -20.90 -8.17 12.90
C CYS A 151 -21.56 -7.27 11.86
N GLU A 152 -22.19 -7.88 10.89
CA GLU A 152 -22.89 -7.12 9.89
C GLU A 152 -24.07 -6.38 10.54
N ALA A 153 -24.85 -7.07 11.41
CA ALA A 153 -25.97 -6.40 12.07
C ALA A 153 -25.55 -5.19 12.93
N ALA A 154 -24.41 -5.32 13.64
CA ALA A 154 -23.95 -4.28 14.56
C ALA A 154 -23.45 -3.10 13.72
N THR A 155 -22.80 -3.39 12.61
CA THR A 155 -22.25 -2.36 11.75
C THR A 155 -23.42 -1.60 11.12
N ARG A 156 -24.46 -2.26 10.67
CA ARG A 156 -25.63 -1.52 10.17
C ARG A 156 -26.27 -0.64 11.22
N TRP A 157 -26.32 -1.14 12.49
CA TRP A 157 -26.86 -0.40 13.62
C TRP A 157 -26.06 0.88 13.88
N VAL A 158 -24.75 0.73 13.82
CA VAL A 158 -23.90 1.90 13.99
C VAL A 158 -24.15 2.92 12.89
N ALA A 159 -24.22 2.51 11.64
CA ALA A 159 -24.42 3.47 10.57
C ALA A 159 -25.74 4.19 10.74
N ASP A 160 -26.74 3.53 11.34
CA ASP A 160 -28.10 4.05 11.39
C ASP A 160 -28.29 4.82 12.70
N ASN A 161 -27.42 4.68 13.70
CA ASN A 161 -27.73 5.16 15.03
C ASN A 161 -26.66 6.07 15.64
N ILE A 162 -25.42 6.06 15.18
CA ILE A 162 -24.33 6.85 15.72
C ILE A 162 -24.08 7.95 14.71
N ALA A 163 -23.90 9.18 15.20
CA ALA A 163 -23.64 10.30 14.30
C ALA A 163 -22.31 10.05 13.61
N CYS A 164 -22.29 9.90 12.30
CA CYS A 164 -21.04 9.71 11.62
C CYS A 164 -21.26 10.00 10.16
N THR A 165 -20.17 10.17 9.44
CA THR A 165 -20.21 10.42 8.02
C THR A 165 -19.79 9.17 7.25
N GLY A 166 -19.15 8.22 7.92
CA GLY A 166 -18.64 7.05 7.22
C GLY A 166 -18.13 6.04 8.24
N LEU A 167 -17.86 4.82 7.78
CA LEU A 167 -17.43 3.72 8.62
C LEU A 167 -16.03 3.27 8.20
N VAL A 168 -15.22 3.01 9.23
CA VAL A 168 -13.92 2.40 9.07
C VAL A 168 -14.02 1.07 9.78
N LEU A 169 -13.85 -0.03 9.09
CA LEU A 169 -13.93 -1.31 9.74
C LEU A 169 -12.54 -1.84 9.99
N SER A 170 -12.35 -2.44 11.17
CA SER A 170 -11.06 -3.01 11.51
C SER A 170 -11.23 -4.22 12.41
N GLY A 171 -10.18 -5.07 12.47
CA GLY A 171 -10.24 -6.23 13.34
C GLY A 171 -9.01 -7.07 13.11
N ASP A 172 -8.69 -7.91 14.08
CA ASP A 172 -7.48 -8.72 14.03
C ASP A 172 -7.80 -10.22 14.02
N SER A 173 -7.10 -10.96 13.16
CA SER A 173 -7.15 -12.41 13.03
C SER A 173 -8.54 -12.90 12.51
N ALA A 174 -9.32 -13.60 13.36
CA ALA A 174 -10.74 -13.87 13.07
C ALA A 174 -11.47 -12.55 12.82
N GLY A 175 -11.08 -11.54 13.55
CA GLY A 175 -11.69 -10.22 13.41
C GLY A 175 -11.26 -9.50 12.10
N GLY A 176 -10.13 -9.92 11.53
CA GLY A 176 -9.67 -9.42 10.24
C GLY A 176 -10.51 -10.06 9.13
N ASN A 177 -10.79 -11.34 9.29
CA ASN A 177 -11.74 -12.06 8.46
C ASN A 177 -13.08 -11.34 8.49
N LEU A 178 -13.57 -10.96 9.70
CA LEU A 178 -14.91 -10.39 9.86
C LEU A 178 -14.97 -9.00 9.25
N THR A 179 -13.89 -8.23 9.36
CA THR A 179 -13.73 -6.96 8.67
C THR A 179 -13.93 -7.12 7.15
N ILE A 180 -13.23 -8.05 6.53
CA ILE A 180 -13.30 -8.24 5.08
C ILE A 180 -14.71 -8.71 4.69
N VAL A 181 -15.27 -9.69 5.42
CA VAL A 181 -16.56 -10.30 5.11
C VAL A 181 -17.63 -9.25 5.21
N THR A 182 -17.59 -8.47 6.30
CA THR A 182 -18.50 -7.37 6.51
C THR A 182 -18.42 -6.28 5.43
N ALA A 183 -17.21 -5.88 5.03
CA ALA A 183 -17.05 -4.97 3.93
C ALA A 183 -17.63 -5.50 2.62
N LEU A 184 -17.50 -6.80 2.31
CA LEU A 184 -18.06 -7.38 1.11
C LEU A 184 -19.60 -7.36 1.19
N ALA A 185 -20.15 -7.48 2.43
CA ALA A 185 -21.61 -7.56 2.56
C ALA A 185 -22.19 -6.16 2.30
N LEU A 186 -21.50 -5.14 2.78
CA LEU A 186 -21.94 -3.76 2.68
C LEU A 186 -21.64 -3.20 1.29
N ARG A 187 -20.65 -3.79 0.58
CA ARG A 187 -20.39 -3.38 -0.79
C ARG A 187 -21.61 -3.78 -1.61
N ASP A 188 -22.14 -4.98 -1.34
CA ASP A 188 -23.27 -5.49 -2.11
C ASP A 188 -24.59 -4.83 -1.73
N GLU A 189 -24.82 -4.52 -0.44
CA GLU A 189 -26.01 -3.78 0.03
C GLU A 189 -25.60 -2.76 1.09
N PRO A 190 -25.37 -1.48 0.70
CA PRO A 190 -24.80 -0.49 1.61
C PRO A 190 -25.64 -0.18 2.85
N ALA A 191 -24.94 0.10 3.96
CA ALA A 191 -25.50 0.58 5.19
C ALA A 191 -25.89 2.07 4.94
N ALA A 192 -26.40 2.77 5.95
CA ALA A 192 -26.87 4.13 5.72
C ALA A 192 -25.66 5.05 5.45
N LYS A 193 -24.44 4.59 5.79
CA LYS A 193 -23.25 5.37 5.57
C LYS A 193 -22.21 4.53 4.89
N PRO A 194 -21.40 5.12 3.99
CA PRO A 194 -20.46 4.35 3.22
C PRO A 194 -19.34 3.79 4.13
N VAL A 195 -18.80 2.58 3.77
CA VAL A 195 -17.50 2.18 4.27
C VAL A 195 -16.44 3.00 3.52
N ILE A 196 -15.58 3.67 4.22
CA ILE A 196 -14.61 4.50 3.55
C ILE A 196 -13.23 3.88 3.63
N ALA A 197 -12.97 2.99 4.60
CA ALA A 197 -11.70 2.30 4.63
C ALA A 197 -11.85 1.04 5.49
N ILE A 198 -10.97 0.08 5.32
CA ILE A 198 -10.93 -1.16 6.09
C ILE A 198 -9.47 -1.48 6.46
N HIS A 199 -9.32 -1.99 7.69
CA HIS A 199 -8.01 -2.28 8.27
C HIS A 199 -8.04 -3.68 8.90
N PRO A 200 -7.93 -4.72 8.07
CA PRO A 200 -7.70 -6.09 8.57
C PRO A 200 -6.28 -6.35 9.03
N ILE A 201 -6.16 -6.78 10.28
CA ILE A 201 -4.85 -6.98 10.91
C ILE A 201 -4.63 -8.48 11.02
N TYR A 202 -3.50 -8.93 10.49
CA TYR A 202 -3.18 -10.36 10.32
C TYR A 202 -4.45 -11.20 10.16
N PRO A 203 -5.20 -11.00 9.04
CA PRO A 203 -6.45 -11.66 8.84
C PRO A 203 -6.33 -13.13 8.44
N ALA A 204 -7.32 -13.95 8.86
CA ALA A 204 -7.67 -15.22 8.21
C ALA A 204 -8.60 -14.99 7.02
N VAL A 205 -8.28 -15.47 5.82
CA VAL A 205 -9.13 -15.21 4.66
C VAL A 205 -9.54 -16.51 4.01
N THR A 206 -9.09 -17.65 4.58
CA THR A 206 -9.40 -18.97 4.03
C THR A 206 -9.40 -20.00 5.17
N THR A 207 -9.89 -21.21 4.89
CA THR A 207 -9.87 -22.27 5.90
C THR A 207 -8.77 -23.28 5.61
N HIS A 208 -8.15 -23.26 4.42
CA HIS A 208 -7.15 -24.27 4.08
C HIS A 208 -5.74 -23.84 4.55
N ASN A 209 -4.84 -24.81 4.70
CA ASN A 209 -3.56 -24.67 5.38
C ASN A 209 -2.40 -24.85 4.44
N ASP A 210 -2.67 -24.88 3.13
CA ASP A 210 -1.63 -25.10 2.14
C ASP A 210 -0.86 -23.80 1.81
N TRP A 211 -0.03 -23.39 2.78
CA TRP A 211 0.75 -22.15 2.76
C TRP A 211 2.12 -22.48 3.36
N GLN A 212 3.17 -21.93 2.74
CA GLN A 212 4.54 -22.11 3.22
C GLN A 212 4.67 -21.53 4.61
N SER A 213 4.02 -20.37 4.88
CA SER A 213 4.10 -19.77 6.22
C SER A 213 3.51 -20.71 7.26
N TYR A 214 2.51 -21.51 6.90
CA TYR A 214 1.90 -22.43 7.83
C TYR A 214 2.85 -23.57 8.19
N ARG A 215 3.60 -24.04 7.20
CA ARG A 215 4.62 -25.05 7.43
C ARG A 215 5.82 -24.50 8.18
N ASP A 216 6.20 -23.24 7.90
CA ASP A 216 7.34 -22.61 8.56
C ASP A 216 7.06 -22.19 10.00
N PHE A 217 5.86 -21.69 10.30
CA PHE A 217 5.65 -21.00 11.56
C PHE A 217 4.53 -21.59 12.40
N GLY A 218 4.12 -22.80 12.05
CA GLY A 218 3.00 -23.43 12.75
C GLY A 218 3.35 -24.01 14.13
N GLU A 219 4.59 -23.84 14.62
CA GLU A 219 4.94 -24.20 15.99
C GLU A 219 5.92 -23.20 16.54
N GLY A 220 5.78 -22.95 17.82
CA GLY A 220 6.69 -22.07 18.55
C GLY A 220 6.42 -20.56 18.41
N HIS A 221 5.34 -20.16 17.72
CA HIS A 221 5.10 -18.74 17.46
C HIS A 221 3.67 -18.35 17.83
N LEU A 222 3.21 -18.84 19.01
CA LEU A 222 2.00 -18.44 19.71
C LEU A 222 0.73 -18.95 19.03
N LEU A 223 0.51 -18.64 17.74
CA LEU A 223 -0.53 -19.28 16.95
C LEU A 223 0.01 -20.58 16.32
N THR A 224 -0.52 -21.70 16.79
CA THR A 224 0.05 -22.99 16.43
C THR A 224 -0.94 -23.78 15.59
N GLU A 225 -0.43 -24.84 14.94
CA GLU A 225 -1.26 -25.75 14.19
C GLU A 225 -2.36 -26.30 15.09
N GLY A 226 -1.99 -26.77 16.28
CA GLY A 226 -2.97 -27.29 17.21
C GLY A 226 -4.05 -26.27 17.60
N SER A 227 -3.70 -25.01 17.88
CA SER A 227 -4.67 -23.97 18.16
C SER A 227 -5.62 -23.76 17.00
N MET A 228 -5.06 -23.56 15.84
CA MET A 228 -5.85 -23.31 14.64
C MET A 228 -6.84 -24.44 14.36
N THR A 229 -6.42 -25.72 14.43
CA THR A 229 -7.36 -26.81 14.29
C THR A 229 -8.47 -26.74 15.35
N TRP A 230 -8.12 -26.51 16.60
CA TRP A 230 -9.10 -26.40 17.67
C TRP A 230 -10.12 -25.28 17.39
N PHE A 231 -9.68 -24.12 16.87
CA PHE A 231 -10.59 -23.00 16.62
C PHE A 231 -11.51 -23.39 15.48
N GLY A 232 -10.87 -23.93 14.44
CA GLY A 232 -11.52 -24.34 13.20
C GLY A 232 -12.64 -25.37 13.46
N ASN A 233 -12.40 -26.36 14.31
CA ASN A 233 -13.39 -27.38 14.63
C ASN A 233 -14.57 -26.77 15.35
N HIS A 234 -14.35 -25.96 16.38
CA HIS A 234 -15.46 -25.30 17.07
C HIS A 234 -16.27 -24.36 16.16
N TYR A 235 -15.60 -23.54 15.32
CA TYR A 235 -16.34 -22.61 14.49
C TYR A 235 -17.17 -23.32 13.43
N ALA A 236 -16.61 -24.37 12.86
CA ALA A 236 -17.30 -25.21 11.87
C ALA A 236 -17.78 -24.39 10.68
N ALA A 237 -16.86 -23.67 10.04
CA ALA A 237 -17.16 -22.89 8.87
C ALA A 237 -17.40 -23.75 7.63
N ASP A 238 -18.29 -23.29 6.77
CA ASP A 238 -18.48 -23.90 5.44
C ASP A 238 -17.41 -23.33 4.49
N PRO A 239 -16.47 -24.16 4.03
CA PRO A 239 -15.29 -23.69 3.29
C PRO A 239 -15.57 -23.08 1.93
N ALA A 240 -16.80 -23.28 1.41
CA ALA A 240 -17.22 -22.73 0.13
C ALA A 240 -18.02 -21.43 0.32
N ASP A 241 -18.31 -21.02 1.55
CA ASP A 241 -19.10 -19.81 1.75
C ASP A 241 -18.15 -18.58 1.73
N ARG A 242 -18.56 -17.48 1.09
CA ARG A 242 -17.80 -16.22 1.05
C ARG A 242 -17.54 -15.70 2.49
N ARG A 243 -18.43 -15.95 3.39
CA ARG A 243 -18.24 -15.50 4.77
C ARG A 243 -17.15 -16.27 5.51
N ALA A 244 -16.74 -17.43 5.03
CA ALA A 244 -15.65 -18.16 5.66
C ALA A 244 -14.37 -18.02 4.83
N ALA A 245 -14.51 -17.89 3.49
CA ALA A 245 -13.35 -17.92 2.62
C ALA A 245 -13.39 -16.82 1.56
N PRO A 246 -13.23 -15.57 2.00
CA PRO A 246 -13.28 -14.44 1.07
C PRO A 246 -12.23 -14.41 -0.05
N ILE A 247 -11.15 -15.17 0.08
CA ILE A 247 -10.13 -15.13 -0.95
C ILE A 247 -10.64 -15.84 -2.22
N ASP A 248 -11.73 -16.59 -2.15
CA ASP A 248 -12.21 -17.29 -3.33
C ASP A 248 -13.24 -16.49 -4.10
N PHE A 249 -13.44 -15.19 -3.82
CA PHE A 249 -14.58 -14.46 -4.36
C PHE A 249 -14.10 -13.07 -4.76
N PRO A 250 -14.77 -12.40 -5.72
CA PRO A 250 -14.28 -11.11 -6.23
C PRO A 250 -14.15 -10.06 -5.14
N ALA A 251 -13.07 -9.27 -5.30
CA ALA A 251 -12.72 -8.21 -4.40
C ALA A 251 -13.01 -6.85 -5.03
N ASP A 252 -13.47 -6.78 -6.27
CA ASP A 252 -13.70 -5.49 -6.92
C ASP A 252 -14.73 -4.65 -6.17
N GLY A 253 -14.44 -3.34 -6.07
CA GLY A 253 -15.31 -2.36 -5.43
C GLY A 253 -15.18 -2.30 -3.89
N LEU A 254 -14.19 -2.94 -3.25
CA LEU A 254 -13.97 -2.74 -1.83
C LEU A 254 -13.36 -1.35 -1.65
N PRO A 255 -13.49 -0.76 -0.43
CA PRO A 255 -12.80 0.49 -0.14
C PRO A 255 -11.28 0.30 0.04
N PRO A 256 -10.57 1.41 0.05
CA PRO A 256 -9.15 1.49 0.38
C PRO A 256 -8.82 0.71 1.64
N THR A 257 -7.85 -0.18 1.49
CA THR A 257 -7.58 -1.22 2.46
C THR A 257 -6.14 -1.05 2.97
N LEU A 258 -5.94 -1.08 4.28
CA LEU A 258 -4.64 -1.30 4.89
C LEU A 258 -4.61 -2.67 5.55
N LEU A 259 -3.77 -3.49 5.00
CA LEU A 259 -3.69 -4.90 5.38
C LEU A 259 -2.30 -5.13 5.96
N ILE A 260 -2.25 -5.52 7.24
CA ILE A 260 -0.93 -5.76 7.83
C ILE A 260 -0.82 -7.23 8.21
N THR A 261 0.36 -7.79 8.03
CA THR A 261 0.68 -9.16 8.40
C THR A 261 1.90 -9.09 9.32
N ALA A 262 2.16 -10.19 10.03
CA ALA A 262 3.35 -10.33 10.83
C ALA A 262 4.22 -11.38 10.14
N SER A 263 5.54 -11.18 10.07
CA SER A 263 6.33 -12.02 9.20
C SER A 263 6.49 -13.42 9.74
N LEU A 264 6.29 -13.64 11.04
CA LEU A 264 6.47 -15.00 11.60
C LEU A 264 5.12 -15.65 11.89
N ASP A 265 4.10 -15.33 11.12
CA ASP A 265 2.74 -15.76 11.40
C ASP A 265 2.45 -16.87 10.42
N PRO A 266 1.89 -18.00 10.88
CA PRO A 266 1.28 -18.99 10.01
C PRO A 266 0.29 -18.45 8.95
N LEU A 267 -0.42 -17.39 9.26
CA LEU A 267 -1.39 -16.81 8.33
C LEU A 267 -0.76 -15.76 7.43
N ARG A 268 0.60 -15.56 7.45
CA ARG A 268 1.17 -14.46 6.69
C ARG A 268 0.90 -14.60 5.20
N ASP A 269 1.06 -15.79 4.66
CA ASP A 269 1.02 -15.97 3.20
C ASP A 269 -0.40 -15.76 2.59
N GLN A 270 -1.43 -16.12 3.32
CA GLN A 270 -2.80 -15.88 2.88
C GLN A 270 -3.18 -14.42 2.99
N GLY A 271 -2.58 -13.74 3.97
CA GLY A 271 -2.75 -12.30 4.04
C GLY A 271 -2.09 -11.60 2.83
N ARG A 272 -0.86 -11.97 2.53
CA ARG A 272 -0.20 -11.49 1.32
C ARG A 272 -1.05 -11.77 0.08
N ALA A 273 -1.57 -12.95 -0.01
CA ALA A 273 -2.31 -13.35 -1.19
C ALA A 273 -3.61 -12.53 -1.32
N TYR A 274 -4.24 -12.23 -0.21
CA TYR A 274 -5.44 -11.37 -0.23
C TYR A 274 -5.10 -9.94 -0.66
N ALA A 275 -4.01 -9.35 -0.13
CA ALA A 275 -3.61 -8.01 -0.45
C ALA A 275 -3.30 -7.96 -1.95
N ALA A 276 -2.66 -9.02 -2.50
CA ALA A 276 -2.36 -9.10 -3.92
C ALA A 276 -3.62 -9.13 -4.77
N LYS A 277 -4.63 -9.86 -4.31
CA LYS A 277 -5.85 -9.97 -5.08
C LYS A 277 -6.61 -8.64 -5.13
N LEU A 278 -6.53 -7.86 -4.05
CA LEU A 278 -7.09 -6.54 -3.97
C LEU A 278 -6.43 -5.63 -5.00
N ILE A 279 -5.09 -5.64 -5.09
CA ILE A 279 -4.39 -4.88 -6.08
C ILE A 279 -4.77 -5.29 -7.51
N GLU A 280 -4.81 -6.58 -7.76
CA GLU A 280 -5.24 -7.07 -9.06
C GLU A 280 -6.69 -6.68 -9.42
N ALA A 281 -7.55 -6.40 -8.48
CA ALA A 281 -8.91 -5.92 -8.73
C ALA A 281 -8.95 -4.40 -8.75
N GLY A 282 -7.81 -3.71 -8.65
CA GLY A 282 -7.83 -2.25 -8.68
C GLY A 282 -8.23 -1.56 -7.35
N VAL A 283 -8.26 -2.27 -6.23
CA VAL A 283 -8.57 -1.62 -4.95
C VAL A 283 -7.33 -0.93 -4.40
N PRO A 284 -7.34 0.36 -4.07
CA PRO A 284 -6.14 0.98 -3.48
C PRO A 284 -5.81 0.30 -2.14
N THR A 285 -4.55 -0.09 -1.99
CA THR A 285 -4.17 -1.00 -0.93
C THR A 285 -2.83 -0.56 -0.41
N THR A 286 -2.70 -0.53 0.92
CA THR A 286 -1.40 -0.39 1.55
C THR A 286 -1.18 -1.71 2.31
N TYR A 287 -0.11 -2.38 1.97
CA TYR A 287 0.30 -3.59 2.65
C TYR A 287 1.49 -3.27 3.53
N ARG A 288 1.36 -3.56 4.82
CA ARG A 288 2.49 -3.43 5.74
C ARG A 288 2.80 -4.79 6.35
N GLU A 289 4.06 -5.07 6.61
CA GLU A 289 4.39 -6.37 7.19
C GLU A 289 5.18 -6.06 8.45
N ALA A 290 4.72 -6.52 9.60
CA ALA A 290 5.51 -6.35 10.83
C ALA A 290 6.69 -7.33 10.80
N LYS A 291 7.89 -6.87 10.40
CA LYS A 291 8.98 -7.81 10.19
C LYS A 291 9.58 -8.26 11.53
N GLY A 292 9.69 -9.54 11.71
CA GLY A 292 10.36 -10.11 12.85
C GLY A 292 9.41 -10.26 14.01
N THR A 293 8.08 -10.24 13.78
CA THR A 293 7.16 -10.36 14.89
C THR A 293 6.08 -11.37 14.56
N ILE A 294 5.23 -11.59 15.56
CA ILE A 294 4.35 -12.74 15.59
C ILE A 294 2.89 -12.27 15.45
N HIS A 295 2.05 -13.21 15.06
CA HIS A 295 0.62 -13.12 15.26
C HIS A 295 0.27 -12.72 16.68
N GLY A 296 -0.71 -11.82 16.79
CA GLY A 296 -1.34 -11.51 18.07
C GLY A 296 -0.67 -10.31 18.68
N TYR A 297 0.27 -9.59 17.99
CA TYR A 297 1.06 -8.60 18.68
C TYR A 297 0.23 -7.39 19.18
N ILE A 298 -0.97 -7.12 18.62
CA ILE A 298 -1.69 -5.92 19.04
C ILE A 298 -2.17 -6.07 20.49
N CYS A 299 -2.24 -7.27 21.02
CA CYS A 299 -2.54 -7.48 22.43
C CYS A 299 -1.30 -7.80 23.27
N LEU A 300 -0.07 -7.53 22.78
CA LEU A 300 1.08 -7.96 23.58
C LEU A 300 2.07 -6.84 23.75
N ALA A 301 1.59 -5.60 23.81
CA ALA A 301 2.43 -4.42 23.74
C ALA A 301 3.24 -4.11 25.01
N GLN A 302 2.98 -4.80 26.12
CA GLN A 302 3.86 -4.77 27.26
C GLN A 302 4.90 -5.91 27.19
N GLY A 303 4.50 -7.14 26.91
CA GLY A 303 5.48 -8.20 26.79
C GLY A 303 6.41 -8.07 25.57
N ILE A 304 5.94 -7.34 24.51
CA ILE A 304 6.77 -7.09 23.33
C ILE A 304 6.74 -5.58 23.11
N PRO A 305 7.67 -4.82 23.72
CA PRO A 305 7.58 -3.36 23.67
C PRO A 305 7.59 -2.84 22.22
N SER A 306 8.29 -3.52 21.28
CA SER A 306 8.31 -3.07 19.87
C SER A 306 6.94 -3.10 19.19
N ALA A 307 5.95 -3.81 19.80
CA ALA A 307 4.61 -3.85 19.26
C ALA A 307 4.00 -2.47 19.28
N LYS A 308 4.39 -1.64 20.22
CA LYS A 308 3.83 -0.31 20.33
C LYS A 308 4.07 0.51 19.05
N ASP A 309 5.27 0.39 18.47
CA ASP A 309 5.57 1.08 17.21
C ASP A 309 4.87 0.41 16.03
N ASP A 310 4.56 -0.87 16.09
CA ASP A 310 3.79 -1.51 15.02
C ASP A 310 2.33 -0.99 14.98
N ILE A 311 1.74 -0.86 16.16
CA ILE A 311 0.41 -0.32 16.37
C ILE A 311 0.32 1.14 15.90
N ARG A 312 1.20 1.95 16.46
CA ARG A 312 1.26 3.37 16.14
C ARG A 312 1.58 3.58 14.67
N GLY A 313 2.56 2.86 14.11
CA GLY A 313 2.89 2.95 12.68
C GLY A 313 1.68 2.69 11.76
N ALA A 314 0.95 1.62 12.02
CA ALA A 314 -0.22 1.28 11.21
C ALA A 314 -1.33 2.32 11.35
N LEU A 315 -1.64 2.74 12.57
CA LEU A 315 -2.74 3.64 12.83
C LEU A 315 -2.43 5.04 12.29
N THR A 316 -1.17 5.47 12.31
CA THR A 316 -0.80 6.69 11.60
C THR A 316 -1.11 6.64 10.07
N VAL A 317 -0.88 5.49 9.44
CA VAL A 317 -1.16 5.28 8.05
C VAL A 317 -2.65 5.28 7.81
N LEU A 318 -3.37 4.67 8.74
CA LEU A 318 -4.81 4.57 8.54
C LEU A 318 -5.47 5.94 8.64
N LYS A 319 -5.04 6.69 9.63
CA LYS A 319 -5.51 8.03 9.88
C LYS A 319 -5.34 8.92 8.62
N ALA A 320 -4.20 8.78 7.95
CA ALA A 320 -3.98 9.53 6.72
C ALA A 320 -4.92 9.06 5.59
N ILE A 321 -5.13 7.75 5.46
CA ILE A 321 -6.06 7.16 4.48
C ILE A 321 -7.45 7.74 4.69
N VAL A 322 -7.88 7.84 5.96
CA VAL A 322 -9.19 8.34 6.24
C VAL A 322 -9.25 9.83 5.92
N ALA A 323 -8.18 10.59 6.21
CA ALA A 323 -8.13 12.03 5.96
C ALA A 323 -8.26 12.31 4.47
N GLU A 324 -7.68 11.46 3.67
CA GLU A 324 -7.72 11.64 2.24
C GLU A 324 -9.13 11.33 1.75
N ALA A 325 -9.80 10.31 2.28
CA ALA A 325 -11.15 9.99 1.83
C ALA A 325 -12.13 11.11 2.16
N THR A 326 -11.95 11.72 3.33
CA THR A 326 -12.92 12.69 3.82
C THR A 326 -12.64 14.11 3.29
N GLY A 327 -11.41 14.38 2.79
CA GLY A 327 -11.21 15.44 1.81
C GLY A 327 -11.61 14.99 0.39
N ALA A 328 -12.46 13.95 0.28
CA ALA A 328 -13.30 13.73 -0.90
C ALA A 328 -12.54 14.08 -2.20
N THR B 20 -18.61 1.40 -21.31
CA THR B 20 -17.59 2.50 -21.31
C THR B 20 -16.78 2.38 -20.01
N HIS B 21 -15.91 3.36 -19.76
CA HIS B 21 -14.95 3.27 -18.66
C HIS B 21 -14.98 4.59 -17.90
N TYR B 22 -14.97 4.54 -16.57
CA TYR B 22 -15.00 5.74 -15.78
C TYR B 22 -13.88 6.71 -16.19
N THR B 23 -14.25 7.95 -16.46
CA THR B 23 -13.31 8.97 -16.96
C THR B 23 -13.66 10.26 -16.26
N ARG B 24 -12.68 10.90 -15.62
CA ARG B 24 -12.95 12.17 -15.00
C ARG B 24 -13.34 13.19 -16.05
N PRO B 25 -14.26 14.09 -15.70
CA PRO B 25 -14.72 15.07 -16.69
C PRO B 25 -13.62 15.93 -17.26
N ASP B 26 -12.66 16.39 -16.44
CA ASP B 26 -11.54 17.13 -17.00
C ASP B 26 -10.58 16.31 -17.87
N VAL B 27 -10.46 14.99 -17.64
CA VAL B 27 -9.68 14.13 -18.49
C VAL B 27 -10.41 13.98 -19.84
N ALA B 28 -11.72 13.75 -19.86
CA ALA B 28 -12.47 13.61 -21.10
C ALA B 28 -12.32 14.89 -21.94
N ALA B 29 -12.31 16.05 -21.32
CA ALA B 29 -12.15 17.36 -21.97
C ALA B 29 -10.79 17.56 -22.62
N PHE B 30 -9.74 17.21 -21.90
CA PHE B 30 -8.40 17.15 -22.47
C PHE B 30 -8.24 16.09 -23.60
N LEU B 31 -8.84 14.87 -23.50
CA LEU B 31 -8.84 13.91 -24.56
C LEU B 31 -9.54 14.42 -25.82
N ALA B 32 -10.59 15.18 -25.65
CA ALA B 32 -11.34 15.63 -26.83
C ALA B 32 -10.43 16.62 -27.57
N PHE B 33 -9.67 17.42 -26.79
CA PHE B 33 -8.70 18.36 -27.35
C PHE B 33 -7.60 17.60 -28.12
N LEU B 34 -7.02 16.57 -27.52
CA LEU B 34 -5.96 15.76 -28.12
C LEU B 34 -6.41 15.12 -29.43
N ASN B 35 -7.61 14.51 -29.40
CA ASN B 35 -8.21 13.87 -30.55
C ASN B 35 -8.48 14.82 -31.70
N ALA B 36 -8.68 16.11 -31.47
CA ALA B 36 -8.93 17.07 -32.54
C ALA B 36 -7.66 17.64 -33.17
N GLN B 37 -6.44 17.37 -32.66
CA GLN B 37 -5.27 18.08 -33.21
C GLN B 37 -4.94 17.56 -34.62
N GLU B 38 -4.65 18.45 -35.56
CA GLU B 38 -4.29 18.03 -36.91
C GLU B 38 -2.79 17.72 -36.91
N GLY B 39 -2.27 17.20 -38.01
CA GLY B 39 -0.83 17.08 -38.08
C GLY B 39 -0.38 15.71 -37.57
N PRO B 40 0.85 15.29 -37.95
CA PRO B 40 1.21 13.88 -37.87
C PRO B 40 1.16 13.30 -36.46
N LYS B 41 0.88 12.00 -36.32
CA LYS B 41 1.05 11.34 -35.03
C LYS B 41 2.53 11.24 -34.68
N MET B 42 2.82 11.11 -33.38
CA MET B 42 4.19 10.95 -32.91
C MET B 42 4.89 9.81 -33.63
N GLU B 43 4.19 8.66 -33.79
CA GLU B 43 4.75 7.47 -34.44
C GLU B 43 5.06 7.66 -35.94
N GLU B 44 4.65 8.77 -36.56
CA GLU B 44 4.97 8.99 -37.98
C GLU B 44 6.20 9.85 -38.13
N MET B 45 6.77 10.27 -36.99
CA MET B 45 7.80 11.29 -36.94
C MET B 45 9.16 10.61 -36.74
N PRO B 46 10.28 11.23 -37.18
CA PRO B 46 11.61 10.85 -36.72
C PRO B 46 11.68 11.25 -35.25
N PRO B 47 12.58 10.65 -34.43
CA PRO B 47 12.83 11.13 -33.06
C PRO B 47 12.94 12.65 -32.84
N ALA B 48 13.66 13.38 -33.69
CA ALA B 48 13.79 14.83 -33.48
C ALA B 48 12.42 15.53 -33.46
N GLY B 49 11.56 15.17 -34.40
CA GLY B 49 10.22 15.76 -34.42
C GLY B 49 9.33 15.29 -33.25
N ALA B 50 9.50 14.04 -32.79
CA ALA B 50 8.75 13.55 -31.63
C ALA B 50 9.15 14.28 -30.35
N ARG B 51 10.47 14.58 -30.25
CA ARG B 51 11.04 15.24 -29.11
C ARG B 51 10.50 16.65 -29.03
N GLU B 52 10.27 17.28 -30.19
CA GLU B 52 9.70 18.62 -30.28
C GLU B 52 8.21 18.65 -29.95
N MET B 53 7.44 17.68 -30.42
CA MET B 53 6.03 17.51 -30.04
C MET B 53 5.84 17.50 -28.53
N MET B 54 6.68 16.73 -27.82
CA MET B 54 6.53 16.60 -26.39
C MET B 54 6.85 17.95 -25.72
N ARG B 55 7.89 18.70 -26.16
CA ARG B 55 8.20 20.00 -25.58
C ARG B 55 7.04 20.98 -25.76
N VAL B 56 6.40 20.97 -26.92
CA VAL B 56 5.32 21.91 -27.18
C VAL B 56 4.07 21.52 -26.41
N MET B 57 3.79 20.22 -26.27
CA MET B 57 2.68 19.74 -25.45
C MET B 57 2.91 20.18 -23.99
N GLY B 58 4.14 20.10 -23.49
CA GLY B 58 4.44 20.55 -22.13
C GLY B 58 4.23 22.05 -21.89
N GLN B 59 4.74 22.87 -22.81
CA GLN B 59 4.47 24.29 -22.84
C GLN B 59 2.96 24.57 -22.78
N LEU B 60 2.12 23.76 -23.41
CA LEU B 60 0.72 24.16 -23.43
C LEU B 60 -0.03 23.50 -22.27
N ALA B 61 0.36 22.29 -21.83
CA ALA B 61 -0.54 21.54 -20.94
C ALA B 61 0.11 21.27 -19.60
N ASP B 62 1.38 21.67 -19.39
CA ASP B 62 1.98 21.59 -18.06
C ASP B 62 1.94 22.97 -17.35
N VAL B 63 1.98 22.95 -15.99
CA VAL B 63 2.20 24.09 -15.15
C VAL B 63 3.63 24.57 -15.34
N PRO B 64 3.95 25.83 -14.98
CA PRO B 64 5.34 26.27 -14.91
C PRO B 64 6.11 25.71 -13.71
N ARG B 65 7.45 25.89 -13.72
CA ARG B 65 8.31 25.49 -12.61
C ARG B 65 7.83 26.05 -11.28
N GLY B 66 7.39 27.33 -11.26
CA GLY B 66 7.08 27.98 -10.01
C GLY B 66 8.32 28.32 -9.20
N GLU B 67 8.11 28.73 -7.95
CA GLU B 67 9.20 29.35 -7.20
C GLU B 67 9.95 28.25 -6.43
N ILE B 68 11.26 28.33 -6.44
CA ILE B 68 12.07 27.30 -5.83
C ILE B 68 13.42 27.91 -5.54
N ALA B 69 13.93 27.64 -4.35
CA ALA B 69 15.12 28.36 -3.89
C ALA B 69 16.35 28.09 -4.74
N LYS B 70 16.57 26.82 -5.16
CA LYS B 70 17.80 26.46 -5.84
C LYS B 70 17.58 25.41 -6.92
N VAL B 71 18.06 25.72 -8.12
CA VAL B 71 18.13 24.75 -9.21
C VAL B 71 19.55 24.88 -9.79
N GLU B 72 20.29 23.76 -9.87
CA GLU B 72 21.69 23.75 -10.29
C GLU B 72 21.86 22.63 -11.33
N ASP B 73 22.52 22.89 -12.46
CA ASP B 73 22.90 21.91 -13.43
C ASP B 73 24.38 21.58 -13.26
N ARG B 74 24.74 20.31 -13.42
CA ARG B 74 26.12 19.96 -13.65
C ARG B 74 26.23 18.64 -14.40
N MET B 75 27.49 18.37 -14.78
CA MET B 75 27.83 17.10 -15.38
C MET B 75 28.48 16.24 -14.30
N ILE B 76 28.20 14.95 -14.39
CA ILE B 76 28.91 13.98 -13.58
C ILE B 76 29.59 13.00 -14.53
N PRO B 77 30.67 12.36 -14.08
CA PRO B 77 31.32 11.32 -14.87
C PRO B 77 30.39 10.10 -14.90
N GLY B 78 30.28 9.47 -16.06
CA GLY B 78 29.66 8.17 -16.14
C GLY B 78 30.47 7.27 -17.06
N PRO B 79 30.10 5.99 -17.28
CA PRO B 79 30.95 5.06 -18.03
C PRO B 79 31.03 5.29 -19.55
N ASP B 80 30.05 5.93 -20.17
CA ASP B 80 30.09 6.28 -21.60
C ASP B 80 30.21 7.78 -21.84
N GLY B 81 30.76 8.52 -20.87
CA GLY B 81 30.80 9.97 -20.98
C GLY B 81 30.00 10.61 -19.85
N ASP B 82 29.97 11.94 -19.89
CA ASP B 82 29.42 12.81 -18.88
C ASP B 82 27.90 12.66 -18.90
N ILE B 83 27.30 12.60 -17.71
CA ILE B 83 25.85 12.56 -17.61
C ILE B 83 25.39 13.90 -17.02
N PRO B 84 24.52 14.64 -17.70
CA PRO B 84 23.96 15.88 -17.15
C PRO B 84 22.92 15.57 -16.09
N ILE B 85 23.00 16.29 -14.97
CA ILE B 85 22.02 16.22 -13.90
C ILE B 85 21.54 17.64 -13.53
N ARG B 86 20.36 17.69 -12.91
CA ARG B 86 19.80 18.89 -12.38
C ARG B 86 19.30 18.63 -10.96
N LEU B 87 19.81 19.44 -10.00
CA LEU B 87 19.46 19.42 -8.58
C LEU B 87 18.45 20.53 -8.23
N TYR B 88 17.29 20.10 -7.76
CA TYR B 88 16.24 21.00 -7.28
C TYR B 88 16.22 20.91 -5.75
N ASP B 89 16.26 22.07 -5.08
CA ASP B 89 16.22 22.13 -3.60
C ASP B 89 15.50 23.41 -3.16
N ASN B 90 14.41 23.23 -2.43
CA ASN B 90 13.66 24.36 -1.94
C ASN B 90 14.11 24.75 -0.55
N ARG B 91 15.09 24.04 0.05
CA ARG B 91 15.56 24.40 1.38
C ARG B 91 17.01 23.98 1.51
N PRO B 92 17.91 24.62 0.75
CA PRO B 92 19.33 24.25 0.72
C PRO B 92 20.13 24.31 2.01
N ASP B 93 19.59 24.91 3.07
CA ASP B 93 20.26 24.90 4.37
C ASP B 93 19.97 23.62 5.17
N ARG B 94 19.22 22.65 4.63
CA ARG B 94 18.91 21.42 5.34
C ARG B 94 20.13 20.71 5.95
N GLU B 95 19.91 19.89 6.96
CA GLU B 95 20.85 18.83 7.31
C GLU B 95 20.70 17.64 6.35
N ALA B 96 21.78 16.84 6.29
CA ALA B 96 21.86 15.49 5.72
C ALA B 96 20.56 14.74 5.97
N GLY B 97 19.84 14.45 4.90
CA GLY B 97 18.60 13.69 4.95
C GLY B 97 18.44 12.91 3.64
N PRO B 98 17.25 12.38 3.35
CA PRO B 98 17.08 11.65 2.10
C PRO B 98 17.21 12.50 0.84
N VAL B 99 17.55 11.91 -0.32
CA VAL B 99 17.48 12.62 -1.60
C VAL B 99 16.78 11.75 -2.62
N MET B 100 15.94 12.36 -3.40
CA MET B 100 15.24 11.71 -4.49
C MET B 100 16.04 11.85 -5.78
N VAL B 101 16.23 10.69 -6.45
CA VAL B 101 16.75 10.64 -7.79
C VAL B 101 15.59 10.32 -8.73
N PHE B 102 15.42 11.14 -9.77
CA PHE B 102 14.28 11.08 -10.66
C PHE B 102 14.68 10.76 -12.09
N TYR B 103 14.01 9.79 -12.70
CA TYR B 103 14.27 9.36 -14.09
C TYR B 103 13.04 9.60 -14.94
N HIS B 104 13.20 10.51 -15.92
CA HIS B 104 12.05 10.97 -16.66
C HIS B 104 11.52 9.88 -17.59
N GLY B 105 10.25 10.00 -18.04
CA GLY B 105 9.67 9.09 -19.02
C GLY B 105 9.77 9.67 -20.43
N GLY B 106 9.10 9.04 -21.39
CA GLY B 106 9.30 9.29 -22.81
C GLY B 106 9.78 8.08 -23.62
N GLY B 107 9.42 6.90 -23.15
CA GLY B 107 9.60 5.69 -23.91
C GLY B 107 11.06 5.46 -24.30
N TRP B 108 12.01 5.98 -23.52
CA TRP B 108 13.45 5.80 -23.76
C TRP B 108 13.92 6.51 -25.03
N VAL B 109 13.09 7.35 -25.62
CA VAL B 109 13.41 8.03 -26.85
C VAL B 109 13.29 9.53 -26.67
N ILE B 110 12.24 9.96 -25.98
CA ILE B 110 11.95 11.37 -25.88
C ILE B 110 12.01 11.77 -24.40
N GLY B 111 11.78 13.07 -24.15
CA GLY B 111 11.94 13.58 -22.80
C GLY B 111 13.34 14.11 -22.53
N ASP B 112 13.46 15.05 -21.57
CA ASP B 112 14.73 15.61 -21.17
C ASP B 112 14.53 16.29 -19.80
N LEU B 113 15.50 17.10 -19.39
CA LEU B 113 15.40 17.87 -18.14
C LEU B 113 14.30 18.92 -18.21
N GLU B 114 13.97 19.46 -19.41
CA GLU B 114 12.91 20.46 -19.43
C GLU B 114 11.50 19.87 -19.42
N THR B 115 11.23 18.71 -20.07
CA THR B 115 9.88 18.14 -20.15
C THR B 115 9.30 17.79 -18.78
N HIS B 116 10.14 17.48 -17.78
CA HIS B 116 9.73 17.02 -16.47
C HIS B 116 10.11 18.02 -15.36
N ASP B 117 10.64 19.19 -15.75
CA ASP B 117 11.07 20.22 -14.84
C ASP B 117 9.92 20.61 -13.88
N PRO B 118 8.70 20.86 -14.36
CA PRO B 118 7.63 21.34 -13.45
C PRO B 118 7.24 20.30 -12.39
N TYR B 119 7.36 19.03 -12.78
CA TYR B 119 7.12 17.94 -11.83
C TYR B 119 8.26 17.91 -10.80
N CYS B 120 9.52 17.91 -11.24
CA CYS B 120 10.63 17.88 -10.31
C CYS B 120 10.59 18.98 -9.27
N ALA B 121 10.27 20.17 -9.70
CA ALA B 121 10.18 21.28 -8.79
C ALA B 121 9.06 21.06 -7.80
N GLU B 122 7.92 20.64 -8.28
CA GLU B 122 6.81 20.36 -7.42
C GLU B 122 7.14 19.27 -6.40
N ALA B 123 7.85 18.23 -6.84
CA ALA B 123 8.29 17.20 -5.95
C ALA B 123 9.20 17.72 -4.85
N ALA B 124 10.14 18.58 -5.25
CA ALA B 124 11.08 19.16 -4.28
C ALA B 124 10.37 19.98 -3.22
N ARG B 125 9.35 20.72 -3.65
CA ARG B 125 8.53 21.49 -2.74
C ARG B 125 7.71 20.60 -1.82
N ILE B 126 6.99 19.58 -2.34
CA ILE B 126 6.09 18.83 -1.49
C ILE B 126 6.82 17.86 -0.56
N LEU B 127 7.82 17.18 -1.10
CA LEU B 127 8.60 16.23 -0.33
C LEU B 127 9.56 16.89 0.66
N ASP B 128 9.92 18.16 0.46
CA ASP B 128 10.95 18.83 1.23
C ASP B 128 12.23 18.00 1.22
N MET B 129 12.66 17.47 0.07
CA MET B 129 13.97 16.84 -0.01
C MET B 129 14.57 17.33 -1.31
N PRO B 130 15.90 17.33 -1.47
CA PRO B 130 16.48 17.56 -2.77
C PRO B 130 16.06 16.48 -3.79
N VAL B 131 15.82 16.94 -5.02
CA VAL B 131 15.50 16.13 -6.17
C VAL B 131 16.59 16.27 -7.23
N ILE B 132 17.20 15.14 -7.63
CA ILE B 132 18.16 15.12 -8.71
C ILE B 132 17.55 14.40 -9.92
N ALA B 133 17.35 15.13 -10.99
CA ALA B 133 16.95 14.55 -12.27
C ALA B 133 18.14 14.21 -13.12
N ILE B 134 18.07 12.99 -13.73
CA ILE B 134 19.11 12.46 -14.57
C ILE B 134 18.78 12.58 -16.07
N ASP B 135 19.63 13.25 -16.83
CA ASP B 135 19.46 13.29 -18.28
C ASP B 135 20.16 12.09 -18.96
N TYR B 136 19.52 10.89 -18.92
CA TYR B 136 20.14 9.65 -19.36
C TYR B 136 20.13 9.61 -20.90
N ARG B 137 21.01 8.80 -21.45
CA ARG B 137 21.13 8.62 -22.89
C ARG B 137 19.89 7.99 -23.48
N LEU B 138 19.50 8.51 -24.65
CA LEU B 138 18.27 8.16 -25.36
C LEU B 138 18.52 7.38 -26.65
N ALA B 139 17.56 6.50 -26.91
CA ALA B 139 17.42 5.83 -28.20
C ALA B 139 16.74 6.74 -29.24
N PRO B 140 16.94 6.51 -30.56
CA PRO B 140 17.78 5.41 -31.06
C PRO B 140 19.27 5.67 -31.19
N GLU B 141 19.73 6.87 -30.96
CA GLU B 141 21.17 7.14 -30.94
C GLU B 141 21.92 6.23 -29.94
N HIS B 142 21.33 5.95 -28.77
CA HIS B 142 21.98 5.10 -27.77
C HIS B 142 20.92 4.07 -27.38
N PRO B 143 20.86 2.90 -28.04
CA PRO B 143 19.82 1.89 -27.73
C PRO B 143 20.10 1.19 -26.40
N PHE B 144 19.16 0.37 -25.94
CA PHE B 144 19.34 -0.43 -24.74
C PHE B 144 20.69 -1.13 -24.81
N PRO B 145 21.50 -1.25 -23.74
CA PRO B 145 21.15 -0.78 -22.39
C PRO B 145 21.73 0.57 -21.90
N ALA B 146 21.88 1.55 -22.79
CA ALA B 146 22.47 2.82 -22.43
C ALA B 146 21.67 3.50 -21.30
N ALA B 147 20.33 3.50 -21.37
CA ALA B 147 19.55 4.23 -20.39
C ALA B 147 19.81 3.64 -18.98
N PRO B 148 19.66 2.31 -18.75
CA PRO B 148 19.85 1.75 -17.43
C PRO B 148 21.30 1.89 -16.97
N ILE B 149 22.25 1.84 -17.87
CA ILE B 149 23.65 2.06 -17.47
C ILE B 149 23.91 3.47 -16.88
N ASP B 150 23.42 4.47 -17.58
CA ASP B 150 23.47 5.85 -17.12
C ASP B 150 22.75 6.09 -15.80
N CYS B 151 21.53 5.55 -15.66
CA CYS B 151 20.75 5.75 -14.46
C CYS B 151 21.43 5.13 -13.24
N GLU B 152 21.93 3.90 -13.38
CA GLU B 152 22.59 3.26 -12.29
C GLU B 152 23.89 4.00 -11.93
N ALA B 153 24.66 4.43 -12.95
CA ALA B 153 25.91 5.14 -12.67
C ALA B 153 25.64 6.48 -11.96
N ALA B 154 24.62 7.23 -12.42
CA ALA B 154 24.24 8.48 -11.79
C ALA B 154 23.80 8.28 -10.32
N THR B 155 23.00 7.27 -10.08
CA THR B 155 22.47 7.01 -8.75
C THR B 155 23.65 6.65 -7.84
N ARG B 156 24.58 5.83 -8.27
CA ARG B 156 25.75 5.55 -7.42
C ARG B 156 26.60 6.77 -7.14
N TRP B 157 26.73 7.64 -8.12
CA TRP B 157 27.46 8.89 -7.97
C TRP B 157 26.80 9.79 -6.90
N VAL B 158 25.45 9.87 -6.96
CA VAL B 158 24.70 10.61 -5.98
C VAL B 158 24.91 10.04 -4.59
N ALA B 159 24.78 8.74 -4.41
CA ALA B 159 24.98 8.16 -3.09
C ALA B 159 26.38 8.48 -2.53
N ASP B 160 27.38 8.62 -3.36
CA ASP B 160 28.74 8.85 -2.92
C ASP B 160 29.06 10.33 -2.69
N ASN B 161 28.51 11.17 -3.51
CA ASN B 161 29.00 12.52 -3.66
C ASN B 161 28.04 13.56 -3.08
N ILE B 162 26.80 13.23 -2.77
CA ILE B 162 25.83 14.23 -2.33
C ILE B 162 25.59 13.85 -0.87
N ALA B 163 25.54 14.86 0.00
CA ALA B 163 25.19 14.66 1.40
C ALA B 163 23.79 14.07 1.49
N CYS B 164 23.65 12.82 1.93
CA CYS B 164 22.35 12.27 2.08
C CYS B 164 22.49 11.09 3.00
N THR B 165 21.36 10.61 3.49
CA THR B 165 21.30 9.48 4.38
C THR B 165 20.77 8.23 3.66
N GLY B 166 20.22 8.44 2.49
CA GLY B 166 19.52 7.39 1.79
C GLY B 166 18.92 7.95 0.52
N LEU B 167 18.59 7.06 -0.38
CA LEU B 167 18.10 7.41 -1.71
C LEU B 167 16.63 7.00 -1.82
N VAL B 168 15.86 7.88 -2.48
CA VAL B 168 14.49 7.62 -2.86
C VAL B 168 14.50 7.63 -4.39
N LEU B 169 14.21 6.53 -5.08
CA LEU B 169 14.26 6.54 -6.54
C LEU B 169 12.85 6.67 -7.09
N SER B 170 12.68 7.48 -8.13
CA SER B 170 11.36 7.66 -8.70
C SER B 170 11.48 7.93 -10.19
N GLY B 171 10.37 7.72 -10.93
CA GLY B 171 10.36 7.96 -12.36
C GLY B 171 9.03 7.57 -12.91
N ASP B 172 8.70 8.12 -14.08
CA ASP B 172 7.41 7.82 -14.70
C ASP B 172 7.55 7.10 -16.03
N SER B 173 6.68 6.09 -16.26
CA SER B 173 6.62 5.26 -17.47
C SER B 173 7.94 4.50 -17.72
N ALA B 174 8.67 4.80 -18.80
CA ALA B 174 10.02 4.30 -19.01
C ALA B 174 10.89 4.60 -17.80
N GLY B 175 10.65 5.76 -17.18
CA GLY B 175 11.40 6.08 -15.99
C GLY B 175 10.94 5.31 -14.74
N GLY B 176 9.72 4.77 -14.78
CA GLY B 176 9.26 3.91 -13.71
C GLY B 176 9.97 2.55 -13.82
N ASN B 177 10.13 2.13 -15.08
CA ASN B 177 10.94 0.96 -15.40
C ASN B 177 12.35 1.16 -14.81
N LEU B 178 12.96 2.31 -15.09
CA LEU B 178 14.38 2.59 -14.70
C LEU B 178 14.52 2.68 -13.18
N THR B 179 13.47 3.17 -12.51
CA THR B 179 13.37 3.12 -11.07
C THR B 179 13.50 1.69 -10.53
N ILE B 180 12.68 0.79 -11.02
CA ILE B 180 12.67 -0.59 -10.56
C ILE B 180 13.98 -1.32 -10.92
N VAL B 181 14.47 -1.15 -12.13
CA VAL B 181 15.68 -1.86 -12.57
C VAL B 181 16.90 -1.37 -11.75
N THR B 182 16.96 -0.05 -11.49
CA THR B 182 18.01 0.54 -10.65
C THR B 182 17.94 0.13 -9.18
N ALA B 183 16.74 -0.01 -8.64
CA ALA B 183 16.60 -0.54 -7.30
C ALA B 183 17.04 -2.01 -7.22
N LEU B 184 16.82 -2.80 -8.25
CA LEU B 184 17.27 -4.19 -8.26
C LEU B 184 18.80 -4.24 -8.35
N ALA B 185 19.43 -3.45 -9.24
CA ALA B 185 20.91 -3.46 -9.33
C ALA B 185 21.55 -3.03 -7.99
N LEU B 186 20.99 -2.04 -7.25
CA LEU B 186 21.57 -1.65 -5.97
C LEU B 186 21.23 -2.60 -4.84
N ARG B 187 20.15 -3.34 -4.95
CA ARG B 187 19.82 -4.36 -3.96
C ARG B 187 20.92 -5.43 -3.99
N ASP B 188 21.33 -5.81 -5.19
CA ASP B 188 22.35 -6.84 -5.34
C ASP B 188 23.75 -6.32 -4.97
N GLU B 189 24.13 -5.11 -5.40
CA GLU B 189 25.43 -4.51 -5.10
C GLU B 189 25.19 -3.09 -4.58
N PRO B 190 25.10 -2.88 -3.25
CA PRO B 190 24.67 -1.61 -2.64
C PRO B 190 25.54 -0.42 -2.99
N ALA B 191 24.90 0.77 -3.07
CA ALA B 191 25.61 2.02 -3.23
C ALA B 191 26.25 2.43 -1.89
N ALA B 192 26.90 3.59 -1.83
CA ALA B 192 27.40 4.08 -0.54
C ALA B 192 26.27 4.36 0.47
N LYS B 193 25.01 4.50 0.04
CA LYS B 193 23.89 4.72 0.94
C LYS B 193 22.73 3.85 0.45
N PRO B 194 21.91 3.27 1.31
CA PRO B 194 20.84 2.42 0.86
C PRO B 194 19.75 3.22 0.13
N VAL B 195 19.01 2.53 -0.73
CA VAL B 195 17.70 2.99 -1.16
C VAL B 195 16.69 2.73 -0.06
N ILE B 196 15.99 3.76 0.35
CA ILE B 196 15.06 3.62 1.44
C ILE B 196 13.63 3.52 0.92
N ALA B 197 13.36 4.01 -0.29
CA ALA B 197 12.03 3.85 -0.86
C ALA B 197 12.11 4.01 -2.39
N ILE B 198 11.09 3.57 -3.08
CA ILE B 198 11.00 3.73 -4.52
C ILE B 198 9.55 4.11 -4.90
N HIS B 199 9.44 4.96 -5.93
CA HIS B 199 8.17 5.51 -6.36
C HIS B 199 8.05 5.41 -7.87
N PRO B 200 7.75 4.21 -8.42
CA PRO B 200 7.46 4.07 -9.83
C PRO B 200 6.06 4.52 -10.21
N ILE B 201 6.00 5.43 -11.17
CA ILE B 201 4.75 6.05 -11.58
C ILE B 201 4.40 5.48 -12.94
N TYR B 202 3.19 4.94 -13.05
CA TYR B 202 2.72 4.23 -14.24
C TYR B 202 3.83 3.51 -14.98
N PRO B 203 4.57 2.59 -14.34
CA PRO B 203 5.76 2.01 -14.92
C PRO B 203 5.48 0.99 -16.03
N ALA B 204 6.39 0.91 -17.04
CA ALA B 204 6.55 -0.28 -17.88
C ALA B 204 7.44 -1.33 -17.20
N VAL B 205 6.98 -2.57 -17.00
CA VAL B 205 7.78 -3.56 -16.31
C VAL B 205 8.04 -4.79 -17.16
N THR B 206 7.41 -4.82 -18.35
CA THR B 206 7.55 -5.95 -19.25
C THR B 206 7.48 -5.43 -20.68
N THR B 207 7.83 -6.28 -21.65
CA THR B 207 7.72 -5.89 -23.05
C THR B 207 6.49 -6.51 -23.70
N HIS B 208 5.79 -7.43 -23.03
CA HIS B 208 4.68 -8.13 -23.66
C HIS B 208 3.35 -7.39 -23.44
N ASN B 209 2.38 -7.63 -24.33
CA ASN B 209 1.18 -6.84 -24.44
C ASN B 209 -0.06 -7.64 -24.08
N ASP B 210 0.09 -8.88 -23.57
CA ASP B 210 -1.06 -9.70 -23.17
C ASP B 210 -1.72 -9.29 -21.83
N TRP B 211 -2.53 -8.20 -21.89
CA TRP B 211 -3.13 -7.54 -20.74
C TRP B 211 -4.48 -7.06 -21.20
N GLN B 212 -5.48 -7.20 -20.33
CA GLN B 212 -6.82 -6.72 -20.61
C GLN B 212 -6.77 -5.20 -20.78
N SER B 213 -6.00 -4.48 -19.94
CA SER B 213 -5.93 -3.02 -20.04
C SER B 213 -5.36 -2.62 -21.42
N TYR B 214 -4.49 -3.44 -21.99
CA TYR B 214 -3.92 -3.14 -23.29
C TYR B 214 -4.96 -3.30 -24.42
N ARG B 215 -5.82 -4.29 -24.30
CA ARG B 215 -6.94 -4.49 -25.23
C ARG B 215 -7.98 -3.38 -25.02
N ASP B 216 -8.22 -2.94 -23.77
CA ASP B 216 -9.25 -1.93 -23.51
C ASP B 216 -8.81 -0.53 -23.93
N PHE B 217 -7.55 -0.14 -23.68
CA PHE B 217 -7.18 1.25 -23.69
C PHE B 217 -6.06 1.58 -24.69
N GLY B 218 -5.75 0.62 -25.59
CA GLY B 218 -4.66 0.81 -26.55
C GLY B 218 -4.93 1.83 -27.68
N GLU B 219 -6.07 2.51 -27.70
CA GLU B 219 -6.41 3.61 -28.59
C GLU B 219 -7.18 4.69 -27.83
N GLY B 220 -6.94 5.96 -28.18
CA GLY B 220 -7.76 7.07 -27.69
C GLY B 220 -7.28 7.67 -26.36
N HIS B 221 -6.19 7.16 -25.76
CA HIS B 221 -5.87 7.54 -24.38
C HIS B 221 -4.41 7.99 -24.23
N LEU B 222 -3.94 8.78 -25.20
CA LEU B 222 -2.62 9.40 -25.28
C LEU B 222 -1.52 8.36 -25.58
N LEU B 223 -1.34 7.35 -24.71
CA LEU B 223 -0.44 6.24 -24.99
C LEU B 223 -1.16 5.13 -25.75
N THR B 224 -0.75 4.95 -27.01
CA THR B 224 -1.42 4.07 -27.95
C THR B 224 -0.53 2.88 -28.30
N GLU B 225 -1.16 1.84 -28.84
CA GLU B 225 -0.44 0.73 -29.45
C GLU B 225 0.64 1.22 -30.41
N GLY B 226 0.27 2.12 -31.32
CA GLY B 226 1.18 2.67 -32.31
C GLY B 226 2.41 3.30 -31.64
N SER B 227 2.20 4.16 -30.62
CA SER B 227 3.33 4.84 -30.01
C SER B 227 4.20 3.88 -29.17
N MET B 228 3.60 2.91 -28.44
CA MET B 228 4.40 1.91 -27.73
C MET B 228 5.27 1.07 -28.67
N THR B 229 4.72 0.65 -29.82
CA THR B 229 5.55 -0.07 -30.82
C THR B 229 6.72 0.81 -31.27
N TRP B 230 6.44 2.08 -31.54
CA TRP B 230 7.46 3.00 -32.02
C TRP B 230 8.61 3.13 -30.99
N PHE B 231 8.26 3.24 -29.69
CA PHE B 231 9.26 3.42 -28.65
C PHE B 231 10.12 2.16 -28.60
N GLY B 232 9.39 1.04 -28.52
CA GLY B 232 10.00 -0.27 -28.30
C GLY B 232 10.95 -0.68 -29.42
N ASN B 233 10.60 -0.40 -30.68
CA ASN B 233 11.49 -0.66 -31.82
C ASN B 233 12.77 0.18 -31.74
N HIS B 234 12.70 1.49 -31.44
CA HIS B 234 13.93 2.28 -31.32
C HIS B 234 14.81 1.86 -30.13
N TYR B 235 14.22 1.55 -28.98
CA TYR B 235 15.03 1.23 -27.81
C TYR B 235 15.72 -0.11 -28.01
N ALA B 236 14.99 -1.07 -28.62
CA ALA B 236 15.59 -2.33 -29.03
C ALA B 236 16.09 -3.11 -27.82
N ALA B 237 15.22 -3.25 -26.85
CA ALA B 237 15.56 -3.89 -25.58
C ALA B 237 15.65 -5.40 -25.77
N ASP B 238 16.49 -6.02 -24.98
CA ASP B 238 16.57 -7.47 -24.88
C ASP B 238 15.49 -7.95 -23.93
N PRO B 239 14.44 -8.61 -24.43
CA PRO B 239 13.29 -8.95 -23.59
C PRO B 239 13.53 -9.92 -22.45
N ALA B 240 14.65 -10.63 -22.50
CA ALA B 240 15.02 -11.58 -21.47
C ALA B 240 15.81 -10.89 -20.33
N ASP B 241 16.27 -9.64 -20.54
CA ASP B 241 17.23 -9.05 -19.63
C ASP B 241 16.42 -8.41 -18.47
N ARG B 242 16.89 -8.52 -17.23
CA ARG B 242 16.19 -7.96 -16.08
C ARG B 242 16.04 -6.45 -16.20
N ARG B 243 17.00 -5.79 -16.86
CA ARG B 243 16.90 -4.37 -17.11
C ARG B 243 15.80 -3.97 -18.08
N ALA B 244 15.18 -4.91 -18.80
CA ALA B 244 14.05 -4.58 -19.66
C ALA B 244 12.77 -5.13 -19.05
N ALA B 245 12.87 -6.23 -18.31
CA ALA B 245 11.68 -6.99 -17.92
C ALA B 245 11.74 -7.47 -16.50
N PRO B 246 11.68 -6.54 -15.54
CA PRO B 246 11.86 -6.93 -14.15
C PRO B 246 10.71 -7.72 -13.53
N ILE B 247 9.54 -7.75 -14.13
CA ILE B 247 8.50 -8.66 -13.60
C ILE B 247 8.92 -10.15 -13.71
N ASP B 248 9.93 -10.47 -14.53
CA ASP B 248 10.38 -11.84 -14.71
C ASP B 248 11.44 -12.29 -13.69
N PHE B 249 11.77 -11.48 -12.66
CA PHE B 249 12.90 -11.72 -11.79
C PHE B 249 12.46 -11.48 -10.36
N PRO B 250 13.13 -12.12 -9.37
CA PRO B 250 12.68 -11.99 -7.99
C PRO B 250 12.75 -10.55 -7.49
N ALA B 251 11.76 -10.26 -6.66
CA ALA B 251 11.54 -8.91 -6.13
C ALA B 251 11.89 -8.87 -4.65
N ASP B 252 12.25 -10.00 -4.03
CA ASP B 252 12.57 -10.03 -2.61
C ASP B 252 13.71 -9.06 -2.25
N GLY B 253 13.53 -8.35 -1.13
CA GLY B 253 14.52 -7.47 -0.54
C GLY B 253 14.56 -6.07 -1.20
N LEU B 254 13.59 -5.74 -2.07
CA LEU B 254 13.46 -4.37 -2.53
C LEU B 254 12.98 -3.51 -1.38
N PRO B 255 13.22 -2.19 -1.41
CA PRO B 255 12.66 -1.32 -0.39
C PRO B 255 11.15 -1.10 -0.54
N PRO B 256 10.56 -0.51 0.49
CA PRO B 256 9.16 -0.07 0.50
C PRO B 256 8.81 0.78 -0.72
N THR B 257 7.71 0.37 -1.37
CA THR B 257 7.43 0.85 -2.72
C THR B 257 6.08 1.57 -2.69
N LEU B 258 5.98 2.72 -3.34
CA LEU B 258 4.70 3.30 -3.70
C LEU B 258 4.58 3.24 -5.23
N LEU B 259 3.61 2.50 -5.66
CA LEU B 259 3.41 2.28 -7.07
C LEU B 259 2.03 2.85 -7.42
N ILE B 260 2.01 3.75 -8.39
CA ILE B 260 0.76 4.28 -8.81
C ILE B 260 0.58 3.96 -10.31
N THR B 261 -0.67 3.70 -10.66
CA THR B 261 -1.11 3.47 -12.04
C THR B 261 -2.21 4.49 -12.36
N ALA B 262 -2.60 4.61 -13.60
CA ALA B 262 -3.74 5.43 -14.02
C ALA B 262 -4.75 4.46 -14.61
N SER B 263 -6.05 4.65 -14.31
CA SER B 263 -6.99 3.56 -14.57
C SER B 263 -7.24 3.42 -16.06
N LEU B 264 -6.93 4.44 -16.89
CA LEU B 264 -7.21 4.32 -18.34
C LEU B 264 -5.97 4.01 -19.19
N ASP B 265 -4.97 3.43 -18.58
CA ASP B 265 -3.65 3.39 -19.16
C ASP B 265 -3.50 1.95 -19.61
N PRO B 266 -3.13 1.73 -20.87
CA PRO B 266 -2.75 0.40 -21.33
C PRO B 266 -1.71 -0.36 -20.48
N LEU B 267 -0.83 0.36 -19.77
CA LEU B 267 0.09 -0.26 -18.81
C LEU B 267 -0.48 -0.54 -17.44
N ARG B 268 -1.75 -0.23 -17.19
CA ARG B 268 -2.32 -0.43 -15.88
C ARG B 268 -2.13 -1.82 -15.29
N ASP B 269 -2.47 -2.85 -16.05
CA ASP B 269 -2.49 -4.20 -15.55
C ASP B 269 -1.10 -4.79 -15.23
N GLN B 270 -0.07 -4.40 -15.97
CA GLN B 270 1.27 -4.86 -15.62
C GLN B 270 1.83 -4.13 -14.40
N GLY B 271 1.36 -2.90 -14.18
CA GLY B 271 1.65 -2.17 -12.96
C GLY B 271 1.05 -2.89 -11.74
N ARG B 272 -0.26 -3.22 -11.83
CA ARG B 272 -0.93 -4.00 -10.79
C ARG B 272 -0.17 -5.29 -10.58
N ALA B 273 0.21 -5.97 -11.67
CA ALA B 273 0.83 -7.26 -11.49
C ALA B 273 2.19 -7.16 -10.80
N TYR B 274 2.91 -6.11 -11.08
CA TYR B 274 4.17 -5.89 -10.36
C TYR B 274 3.97 -5.57 -8.89
N ALA B 275 2.98 -4.76 -8.53
CA ALA B 275 2.70 -4.43 -7.18
C ALA B 275 2.28 -5.70 -6.44
N ALA B 276 1.53 -6.56 -7.11
CA ALA B 276 1.12 -7.82 -6.49
C ALA B 276 2.31 -8.78 -6.26
N LYS B 277 3.27 -8.77 -7.17
CA LYS B 277 4.49 -9.57 -7.01
C LYS B 277 5.34 -9.11 -5.83
N LEU B 278 5.37 -7.80 -5.61
CA LEU B 278 6.10 -7.19 -4.51
C LEU B 278 5.48 -7.65 -3.20
N ILE B 279 4.13 -7.59 -3.10
CA ILE B 279 3.45 -8.01 -1.89
C ILE B 279 3.74 -9.50 -1.64
N GLU B 280 3.64 -10.32 -2.68
CA GLU B 280 3.92 -11.73 -2.54
C GLU B 280 5.34 -12.03 -2.10
N ALA B 281 6.32 -11.19 -2.38
CA ALA B 281 7.68 -11.32 -1.86
C ALA B 281 7.86 -10.65 -0.49
N GLY B 282 6.81 -10.12 0.13
CA GLY B 282 6.99 -9.55 1.46
C GLY B 282 7.48 -8.08 1.44
N VAL B 283 7.48 -7.42 0.29
CA VAL B 283 7.92 -6.03 0.22
C VAL B 283 6.79 -5.13 0.64
N PRO B 284 6.93 -4.28 1.67
CA PRO B 284 5.88 -3.30 2.03
C PRO B 284 5.55 -2.39 0.84
N THR B 285 4.29 -2.34 0.46
CA THR B 285 3.90 -1.73 -0.82
C THR B 285 2.64 -0.90 -0.60
N THR B 286 2.60 0.28 -1.20
CA THR B 286 1.36 1.03 -1.25
C THR B 286 1.01 1.15 -2.71
N TYR B 287 -0.20 0.69 -3.04
CA TYR B 287 -0.70 0.77 -4.39
C TYR B 287 -1.75 1.87 -4.42
N ARG B 288 -1.58 2.76 -5.38
CA ARG B 288 -2.56 3.82 -5.62
C ARG B 288 -2.98 3.74 -7.09
N GLU B 289 -4.26 3.95 -7.38
CA GLU B 289 -4.68 3.98 -8.76
C GLU B 289 -5.35 5.33 -8.96
N ALA B 290 -4.85 6.12 -9.91
CA ALA B 290 -5.54 7.37 -10.22
C ALA B 290 -6.79 7.04 -11.06
N LYS B 291 -7.93 7.04 -10.41
CA LYS B 291 -9.17 6.62 -11.05
C LYS B 291 -9.68 7.66 -12.04
N GLY B 292 -9.93 7.23 -13.27
CA GLY B 292 -10.52 8.07 -14.29
C GLY B 292 -9.49 8.90 -15.01
N THR B 293 -8.18 8.60 -14.90
CA THR B 293 -7.23 9.42 -15.59
C THR B 293 -6.29 8.60 -16.46
N ILE B 294 -5.42 9.30 -17.21
CA ILE B 294 -4.69 8.65 -18.27
C ILE B 294 -3.19 8.55 -17.87
N HIS B 295 -2.48 7.71 -18.62
CA HIS B 295 -1.04 7.74 -18.69
C HIS B 295 -0.53 9.13 -19.02
N GLY B 296 0.56 9.52 -18.35
CA GLY B 296 1.26 10.74 -18.70
C GLY B 296 0.77 11.93 -17.88
N TYR B 297 -0.09 11.74 -16.85
CA TYR B 297 -0.75 12.86 -16.24
C TYR B 297 0.21 13.77 -15.46
N ILE B 298 1.43 13.31 -15.10
CA ILE B 298 2.25 14.11 -14.21
C ILE B 298 2.82 15.32 -14.99
N CYS B 299 2.84 15.27 -16.32
CA CYS B 299 3.22 16.44 -17.12
C CYS B 299 2.01 17.16 -17.73
N LEU B 300 0.79 16.90 -17.25
CA LEU B 300 -0.36 17.53 -17.88
C LEU B 300 -1.19 18.30 -16.88
N ALA B 301 -0.54 18.82 -15.81
CA ALA B 301 -1.26 19.36 -14.66
C ALA B 301 -1.95 20.69 -14.97
N GLN B 302 -1.71 21.31 -16.12
CA GLN B 302 -2.53 22.48 -16.51
C GLN B 302 -3.66 22.02 -17.46
N GLY B 303 -3.44 21.10 -18.40
CA GLY B 303 -4.51 20.61 -19.26
C GLY B 303 -5.51 19.71 -18.52
N ILE B 304 -5.04 19.02 -17.46
CA ILE B 304 -5.86 18.20 -16.59
C ILE B 304 -5.72 18.68 -15.15
N PRO B 305 -6.50 19.66 -14.70
CA PRO B 305 -6.25 20.26 -13.40
C PRO B 305 -6.31 19.25 -12.26
N SER B 306 -7.15 18.22 -12.36
CA SER B 306 -7.23 17.18 -11.31
C SER B 306 -5.91 16.40 -11.13
N ALA B 307 -5.00 16.48 -12.10
CA ALA B 307 -3.70 15.88 -12.03
C ALA B 307 -2.95 16.47 -10.84
N LYS B 308 -3.21 17.74 -10.48
CA LYS B 308 -2.47 18.31 -9.39
C LYS B 308 -2.74 17.55 -8.08
N ASP B 309 -3.99 17.14 -7.85
CA ASP B 309 -4.35 16.37 -6.66
C ASP B 309 -3.78 14.94 -6.72
N ASP B 310 -3.59 14.36 -7.91
CA ASP B 310 -2.98 13.05 -8.00
C ASP B 310 -1.49 13.14 -7.62
N ILE B 311 -0.81 14.15 -8.12
CA ILE B 311 0.60 14.42 -7.82
C ILE B 311 0.80 14.62 -6.33
N ARG B 312 0.03 15.58 -5.79
CA ARG B 312 0.10 15.92 -4.40
C ARG B 312 -0.27 14.74 -3.50
N GLY B 313 -1.34 14.04 -3.80
CA GLY B 313 -1.75 12.89 -3.02
C GLY B 313 -0.69 11.78 -2.98
N ALA B 314 -0.04 11.48 -4.09
CA ALA B 314 0.98 10.45 -4.07
C ALA B 314 2.23 10.89 -3.28
N LEU B 315 2.68 12.14 -3.50
CA LEU B 315 3.90 12.62 -2.84
C LEU B 315 3.68 12.85 -1.34
N THR B 316 2.46 13.10 -0.88
CA THR B 316 2.20 13.15 0.55
C THR B 316 2.38 11.75 1.18
N VAL B 317 1.98 10.72 0.50
CA VAL B 317 2.10 9.35 1.00
C VAL B 317 3.56 8.95 0.99
N LEU B 318 4.27 9.38 -0.07
CA LEU B 318 5.68 9.07 -0.17
C LEU B 318 6.48 9.72 0.94
N LYS B 319 6.18 10.97 1.22
CA LYS B 319 6.80 11.72 2.29
C LYS B 319 6.66 11.05 3.65
N ALA B 320 5.49 10.51 3.92
CA ALA B 320 5.27 9.71 5.10
C ALA B 320 6.05 8.40 5.08
N ILE B 321 6.14 7.72 3.91
CA ILE B 321 6.92 6.49 3.83
C ILE B 321 8.38 6.80 4.16
N VAL B 322 8.89 7.91 3.63
CA VAL B 322 10.28 8.24 3.84
C VAL B 322 10.50 8.62 5.31
N ALA B 323 9.54 9.34 5.92
CA ALA B 323 9.67 9.76 7.32
C ALA B 323 9.67 8.54 8.24
N GLU B 324 8.96 7.50 7.87
CA GLU B 324 8.93 6.31 8.67
C GLU B 324 10.24 5.57 8.58
N ALA B 325 10.84 5.47 7.39
CA ALA B 325 12.13 4.85 7.19
C ALA B 325 13.28 5.58 7.88
N THR B 326 13.21 6.92 8.01
CA THR B 326 14.28 7.67 8.63
C THR B 326 14.12 7.74 10.14
N GLY B 327 12.90 7.58 10.65
CA GLY B 327 12.66 7.55 12.08
C GLY B 327 12.84 6.17 12.69
N ALA B 328 13.31 5.20 11.89
CA ALA B 328 13.47 3.81 12.34
C ALA B 328 14.72 3.24 11.65
#